data_4O0Q
#
_entry.id   4O0Q
#
_cell.length_a   90.670
_cell.length_b   119.070
_cell.length_c   58.150
_cell.angle_alpha   90.00
_cell.angle_beta   90.00
_cell.angle_gamma   90.00
#
_symmetry.space_group_name_H-M   'P 21 21 2'
#
loop_
_entity.id
_entity.type
_entity.pdbx_description
1 polymer 'Dihydropteroate synthase DHPS'
2 water water
#
_entity_poly.entity_id   1
_entity_poly.type   'polypeptide(L)'
_entity_poly.pdbx_seq_one_letter_code
;MGSSHHHHHHSSGLVPRGSHMLIIIGEKINGTIPSVKKAIEAKDEKLIRDLALRQSEAGADYIDVCASTSPELEVETLQW
LMDIVQEATDTPLCIDSPNPRAIQQVLLYAKRPGLINSVSLEGDKCEVIFPLIQGTSWQVIALTCDNSGIPQDVQSRVEI
AQALVEKAQSYDIAQERIHIDPLVIALSADNGALLKFAEATRQIKANYPMINVTSGLSNISFGMPLRKVVNQNFLTLAMF
AGMDSAILDPLNRDLLAALLATEALLGRDKHCRNFANAYRKNKIGPLKEG
;
_entity_poly.pdbx_strand_id   A,B
#
# COMPACT_ATOMS: atom_id res chain seq x y z
N PRO A 16 15.59 6.64 -4.77
CA PRO A 16 16.68 5.69 -4.42
C PRO A 16 17.45 5.16 -5.67
N ARG A 17 18.78 5.04 -5.52
CA ARG A 17 19.67 4.55 -6.60
C ARG A 17 19.10 3.23 -7.14
N GLY A 18 19.02 3.17 -8.47
CA GLY A 18 18.61 1.95 -9.20
C GLY A 18 17.10 1.66 -9.21
N SER A 19 16.28 2.70 -8.96
CA SER A 19 14.81 2.56 -9.02
C SER A 19 14.37 2.40 -10.47
N HIS A 20 13.29 1.66 -10.66
CA HIS A 20 12.82 1.32 -11.98
C HIS A 20 11.41 0.79 -11.73
N MET A 21 10.62 0.80 -12.78
CA MET A 21 9.24 0.30 -12.72
C MET A 21 9.31 -1.21 -12.35
N LEU A 22 8.36 -1.70 -11.53
CA LEU A 22 8.19 -3.10 -11.29
C LEU A 22 8.11 -3.99 -12.59
N ILE A 23 8.90 -5.05 -12.61
CA ILE A 23 8.96 -5.98 -13.72
C ILE A 23 7.80 -6.97 -13.48
N ILE A 24 6.90 -7.07 -14.44
CA ILE A 24 5.74 -7.91 -14.29
C ILE A 24 5.83 -9.27 -15.02
N ILE A 25 5.65 -10.37 -14.31
CA ILE A 25 5.63 -11.72 -14.89
C ILE A 25 4.19 -12.18 -14.86
N GLY A 26 3.57 -12.31 -16.06
CA GLY A 26 2.14 -12.54 -16.16
C GLY A 26 1.88 -14.00 -15.92
N GLU A 27 1.03 -14.27 -14.95
CA GLU A 27 0.85 -15.62 -14.38
C GLU A 27 -0.21 -16.51 -15.00
N LYS A 28 -0.95 -16.00 -15.97
CA LYS A 28 -2.20 -16.65 -16.35
C LYS A 28 -2.10 -17.97 -17.14
N ILE A 29 -1.07 -18.21 -17.94
CA ILE A 29 -0.95 -19.48 -18.70
C ILE A 29 -0.30 -20.57 -17.80
N ASN A 30 -1.12 -21.14 -16.93
CA ASN A 30 -0.73 -22.12 -15.94
C ASN A 30 -1.81 -23.25 -15.90
N GLY A 31 -1.40 -24.47 -16.21
CA GLY A 31 -2.29 -25.64 -16.22
C GLY A 31 -2.93 -25.99 -14.88
N THR A 32 -2.50 -25.36 -13.79
CA THR A 32 -3.22 -25.46 -12.54
C THR A 32 -4.60 -24.80 -12.62
N ILE A 33 -4.80 -23.87 -13.57
CA ILE A 33 -6.10 -23.16 -13.73
C ILE A 33 -7.04 -23.98 -14.62
N PRO A 34 -8.27 -24.30 -14.11
CA PRO A 34 -9.03 -25.31 -14.87
C PRO A 34 -9.26 -24.97 -16.31
N SER A 35 -9.58 -23.71 -16.61
CA SER A 35 -9.75 -23.30 -18.02
C SER A 35 -8.53 -23.52 -18.89
N VAL A 36 -7.34 -23.34 -18.30
CA VAL A 36 -6.11 -23.54 -19.07
C VAL A 36 -5.84 -25.02 -19.21
N LYS A 37 -6.07 -25.78 -18.13
CA LYS A 37 -5.92 -27.26 -18.25
C LYS A 37 -6.71 -27.85 -19.42
N LYS A 38 -7.92 -27.33 -19.68
CA LYS A 38 -8.80 -27.91 -20.76
C LYS A 38 -8.32 -27.53 -22.14
N ALA A 39 -7.87 -26.25 -22.26
CA ALA A 39 -7.32 -25.78 -23.52
C ALA A 39 -6.11 -26.60 -23.90
N ILE A 40 -5.31 -26.98 -22.90
CA ILE A 40 -4.15 -27.85 -23.14
C ILE A 40 -4.61 -29.21 -23.70
N GLU A 41 -5.62 -29.79 -23.08
CA GLU A 41 -6.18 -31.11 -23.53
C GLU A 41 -6.65 -31.07 -24.99
N ALA A 42 -7.28 -29.96 -25.37
CA ALA A 42 -7.78 -29.75 -26.73
C ALA A 42 -6.79 -29.21 -27.80
N LYS A 43 -5.62 -28.75 -27.42
CA LYS A 43 -4.81 -27.96 -28.34
C LYS A 43 -5.63 -26.83 -29.02
N ASP A 44 -6.54 -26.27 -28.21
CA ASP A 44 -7.24 -24.97 -28.35
C ASP A 44 -6.22 -23.83 -28.30
N GLU A 45 -5.57 -23.56 -29.42
CA GLU A 45 -4.65 -22.46 -29.54
C GLU A 45 -5.26 -21.08 -29.19
N LYS A 46 -6.60 -20.94 -29.13
CA LYS A 46 -7.21 -19.62 -29.09
C LYS A 46 -7.23 -18.98 -27.71
N LEU A 47 -7.62 -19.75 -26.71
CA LEU A 47 -7.58 -19.30 -25.33
C LEU A 47 -6.14 -18.90 -24.91
N ILE A 48 -5.15 -19.68 -25.37
CA ILE A 48 -3.74 -19.45 -24.99
C ILE A 48 -3.21 -18.19 -25.67
N ARG A 49 -3.45 -18.11 -26.98
CA ARG A 49 -3.11 -16.92 -27.74
C ARG A 49 -3.70 -15.66 -27.11
N ASP A 50 -4.88 -15.83 -26.76
CA ASP A 50 -5.52 -14.69 -26.14
C ASP A 50 -4.96 -14.33 -24.80
N LEU A 51 -4.69 -15.20 -23.93
CA LEU A 51 -4.06 -14.92 -22.63
C LEU A 51 -2.72 -14.24 -22.89
N ALA A 52 -1.97 -14.69 -23.88
CA ALA A 52 -0.65 -14.11 -24.20
C ALA A 52 -0.78 -12.69 -24.65
N LEU A 53 -1.74 -12.45 -25.53
CA LEU A 53 -1.97 -11.10 -26.05
C LEU A 53 -2.45 -10.13 -24.97
N ARG A 54 -3.49 -10.52 -24.24
CA ARG A 54 -4.06 -9.64 -23.25
C ARG A 54 -3.03 -9.31 -22.12
N GLN A 55 -2.22 -10.29 -21.71
CA GLN A 55 -1.21 -10.02 -20.69
C GLN A 55 -0.12 -9.03 -21.20
N SER A 56 0.34 -9.23 -22.43
CA SER A 56 1.32 -8.39 -23.05
C SER A 56 0.80 -6.95 -23.19
N GLU A 57 -0.46 -6.80 -23.58
CA GLU A 57 -1.14 -5.50 -23.69
C GLU A 57 -1.35 -4.80 -22.35
N ALA A 58 -1.51 -5.56 -21.29
CA ALA A 58 -1.58 -5.01 -19.93
C ALA A 58 -0.25 -4.64 -19.32
N GLY A 59 0.86 -4.84 -20.02
CA GLY A 59 2.18 -4.50 -19.54
C GLY A 59 3.04 -5.60 -19.01
N ALA A 60 2.62 -6.88 -19.16
CA ALA A 60 3.56 -7.94 -18.80
C ALA A 60 4.89 -7.80 -19.53
N ASP A 61 5.96 -8.02 -18.80
CA ASP A 61 7.33 -8.08 -19.33
C ASP A 61 7.74 -9.51 -19.73
N TYR A 62 7.10 -10.52 -19.14
CA TYR A 62 7.38 -11.93 -19.40
C TYR A 62 6.00 -12.60 -19.33
N ILE A 63 5.83 -13.66 -20.12
CA ILE A 63 4.68 -14.57 -20.07
C ILE A 63 5.03 -15.93 -19.49
N ASP A 64 4.59 -16.17 -18.27
CA ASP A 64 4.83 -17.43 -17.59
C ASP A 64 4.09 -18.53 -18.39
N VAL A 65 4.73 -19.66 -18.60
CA VAL A 65 4.09 -20.89 -19.14
C VAL A 65 4.37 -22.05 -18.21
N CYS A 66 3.30 -22.67 -17.67
CA CYS A 66 3.46 -23.80 -16.79
C CYS A 66 2.51 -24.93 -17.24
N ALA A 67 3.03 -26.13 -17.54
CA ALA A 67 2.14 -27.20 -18.08
C ALA A 67 1.19 -27.75 -17.02
N SER A 68 1.72 -28.06 -15.86
CA SER A 68 0.95 -28.65 -14.75
C SER A 68 0.25 -29.98 -15.12
N THR A 69 0.89 -30.74 -15.99
CA THR A 69 0.40 -31.98 -16.52
C THR A 69 1.13 -33.12 -15.77
N SER A 70 0.82 -34.35 -16.14
CA SER A 70 1.64 -35.46 -15.75
C SER A 70 3.06 -35.24 -16.28
N PRO A 71 4.06 -35.75 -15.55
CA PRO A 71 5.44 -35.49 -15.88
C PRO A 71 5.77 -35.93 -17.31
N GLU A 72 5.16 -37.03 -17.78
CA GLU A 72 5.53 -37.54 -19.11
C GLU A 72 4.91 -36.72 -20.23
N LEU A 73 3.96 -35.84 -19.94
CA LEU A 73 3.46 -34.95 -20.97
C LEU A 73 3.96 -33.48 -20.81
N GLU A 74 4.81 -33.24 -19.81
CA GLU A 74 5.24 -31.87 -19.55
C GLU A 74 6.04 -31.26 -20.67
N VAL A 75 7.01 -32.00 -21.20
CA VAL A 75 7.95 -31.43 -22.22
C VAL A 75 7.18 -31.06 -23.48
N GLU A 76 6.34 -31.98 -23.97
CA GLU A 76 5.50 -31.66 -25.18
C GLU A 76 4.48 -30.57 -24.92
N THR A 77 3.89 -30.51 -23.73
CA THR A 77 2.93 -29.46 -23.42
C THR A 77 3.62 -28.06 -23.37
N LEU A 78 4.78 -27.98 -22.71
CA LEU A 78 5.58 -26.68 -22.64
C LEU A 78 5.93 -26.26 -24.05
N GLN A 79 6.35 -27.22 -24.86
CA GLN A 79 6.72 -26.89 -26.18
C GLN A 79 5.54 -26.37 -26.96
N TRP A 80 4.37 -26.97 -26.77
CA TRP A 80 3.16 -26.45 -27.37
C TRP A 80 2.78 -25.01 -26.92
N LEU A 81 2.76 -24.78 -25.59
CA LEU A 81 2.47 -23.52 -25.02
C LEU A 81 3.44 -22.48 -25.51
N MET A 82 4.73 -22.82 -25.58
CA MET A 82 5.79 -21.91 -26.05
C MET A 82 5.55 -21.48 -27.49
N ASP A 83 5.33 -22.45 -28.36
CA ASP A 83 5.03 -22.15 -29.77
C ASP A 83 3.79 -21.24 -29.93
N ILE A 84 2.65 -21.51 -29.27
CA ILE A 84 1.48 -20.65 -29.40
C ILE A 84 1.67 -19.19 -28.84
N VAL A 85 2.32 -19.07 -27.68
CA VAL A 85 2.68 -17.81 -27.12
C VAL A 85 3.57 -17.01 -28.08
N GLN A 86 4.60 -17.62 -28.61
CA GLN A 86 5.59 -16.90 -29.45
C GLN A 86 5.04 -16.57 -30.82
N GLU A 87 4.05 -17.31 -31.29
CA GLU A 87 3.38 -16.93 -32.52
C GLU A 87 2.53 -15.68 -32.28
N ALA A 88 2.03 -15.48 -31.06
CA ALA A 88 1.16 -14.40 -30.70
C ALA A 88 1.88 -13.11 -30.30
N THR A 89 3.01 -13.21 -29.60
CA THR A 89 3.64 -12.06 -29.00
C THR A 89 5.14 -12.27 -28.93
N ASP A 90 5.90 -11.17 -29.12
CA ASP A 90 7.30 -11.12 -28.84
C ASP A 90 7.71 -10.97 -27.37
N THR A 91 6.76 -10.78 -26.46
CA THR A 91 7.10 -10.62 -25.02
C THR A 91 7.73 -11.93 -24.59
N PRO A 92 8.90 -11.87 -23.99
CA PRO A 92 9.62 -13.09 -23.73
C PRO A 92 8.93 -14.03 -22.75
N LEU A 93 9.27 -15.30 -22.85
CA LEU A 93 8.72 -16.40 -22.02
C LEU A 93 9.41 -16.49 -20.60
N CYS A 94 8.60 -16.79 -19.61
CA CYS A 94 9.04 -17.31 -18.34
C CYS A 94 8.66 -18.81 -18.27
N ILE A 95 9.66 -19.70 -18.43
CA ILE A 95 9.49 -21.13 -18.45
C ILE A 95 9.37 -21.61 -17.03
N ASP A 96 8.17 -22.12 -16.68
CA ASP A 96 7.84 -22.44 -15.27
C ASP A 96 7.74 -23.95 -15.13
N SER A 97 8.69 -24.58 -14.47
CA SER A 97 8.67 -26.04 -14.28
C SER A 97 9.34 -26.40 -12.97
N PRO A 98 8.83 -27.43 -12.31
CA PRO A 98 9.61 -27.86 -11.14
C PRO A 98 10.69 -28.88 -11.45
N ASN A 99 10.83 -29.22 -12.70
CA ASN A 99 11.70 -30.29 -13.16
C ASN A 99 12.80 -29.70 -14.07
N PRO A 100 14.00 -29.52 -13.51
CA PRO A 100 15.03 -28.92 -14.31
C PRO A 100 15.27 -29.62 -15.63
N ARG A 101 15.13 -30.95 -15.69
CA ARG A 101 15.25 -31.64 -17.01
C ARG A 101 14.26 -31.15 -18.08
N ALA A 102 13.01 -30.87 -17.68
CA ALA A 102 12.04 -30.31 -18.57
C ALA A 102 12.50 -28.98 -19.15
N ILE A 103 13.05 -28.11 -18.29
CA ILE A 103 13.56 -26.80 -18.75
C ILE A 103 14.72 -26.99 -19.74
N GLN A 104 15.64 -27.90 -19.39
CA GLN A 104 16.70 -28.27 -20.31
C GLN A 104 16.19 -28.72 -21.68
N GLN A 105 15.13 -29.48 -21.74
CA GLN A 105 14.65 -30.02 -22.99
C GLN A 105 13.79 -29.03 -23.76
N VAL A 106 13.34 -27.92 -23.15
CA VAL A 106 12.53 -26.98 -23.93
C VAL A 106 13.24 -25.64 -24.23
N LEU A 107 14.40 -25.36 -23.63
CA LEU A 107 14.98 -24.01 -23.71
C LEU A 107 15.23 -23.58 -25.19
N LEU A 108 15.76 -24.51 -26.01
CA LEU A 108 16.01 -24.28 -27.44
C LEU A 108 14.72 -23.98 -28.29
N TYR A 109 13.50 -24.24 -27.79
CA TYR A 109 12.31 -23.82 -28.51
C TYR A 109 11.97 -22.35 -28.33
N ALA A 110 12.72 -21.63 -27.48
CA ALA A 110 12.45 -20.18 -27.31
C ALA A 110 13.15 -19.42 -28.42
N LYS A 111 12.46 -18.44 -29.03
CA LYS A 111 13.02 -17.60 -30.13
C LYS A 111 13.96 -16.52 -29.59
N ARG A 112 13.99 -16.30 -28.29
CA ARG A 112 14.72 -15.20 -27.70
C ARG A 112 14.77 -15.51 -26.22
N PRO A 113 15.79 -15.03 -25.57
CA PRO A 113 16.02 -15.30 -24.17
C PRO A 113 14.95 -14.68 -23.27
N GLY A 114 14.61 -15.40 -22.22
CA GLY A 114 13.62 -14.93 -21.23
C GLY A 114 14.01 -15.22 -19.79
N LEU A 115 13.06 -15.76 -19.03
CA LEU A 115 13.20 -16.02 -17.62
C LEU A 115 12.91 -17.52 -17.32
N ILE A 116 13.68 -18.07 -16.37
CA ILE A 116 13.45 -19.45 -15.89
C ILE A 116 12.92 -19.46 -14.45
N ASN A 117 11.76 -20.10 -14.26
CA ASN A 117 11.06 -20.21 -12.98
C ASN A 117 11.03 -21.65 -12.53
N SER A 118 11.99 -22.12 -11.72
CA SER A 118 13.01 -21.39 -10.97
C SER A 118 14.08 -22.41 -10.53
N VAL A 119 15.20 -21.92 -9.97
CA VAL A 119 16.11 -22.75 -9.26
C VAL A 119 16.02 -22.49 -7.75
N SER A 120 16.73 -23.30 -6.99
CA SER A 120 16.91 -23.15 -5.55
C SER A 120 18.13 -24.04 -5.21
N LEU A 121 18.49 -24.14 -3.92
CA LEU A 121 19.58 -25.05 -3.58
C LEU A 121 19.10 -26.50 -3.39
N GLU A 122 17.82 -26.80 -3.68
CA GLU A 122 17.32 -28.14 -3.61
C GLU A 122 17.95 -29.00 -4.79
N GLY A 123 18.21 -30.28 -4.50
CA GLY A 123 18.53 -31.21 -5.58
C GLY A 123 19.65 -30.77 -6.49
N ASP A 124 19.41 -30.93 -7.79
CA ASP A 124 20.36 -30.57 -8.84
C ASP A 124 19.87 -29.36 -9.62
N LYS A 125 19.00 -28.52 -9.03
CA LYS A 125 18.40 -27.43 -9.80
C LYS A 125 19.50 -26.51 -10.35
N CYS A 126 20.42 -26.05 -9.48
CA CYS A 126 21.49 -25.18 -9.91
C CYS A 126 22.45 -25.87 -10.87
N GLU A 127 22.75 -27.14 -10.60
CA GLU A 127 23.73 -27.91 -11.39
C GLU A 127 23.30 -28.20 -12.81
N VAL A 128 21.98 -28.29 -13.03
CA VAL A 128 21.45 -28.39 -14.34
C VAL A 128 21.19 -27.04 -15.10
N ILE A 129 20.54 -26.13 -14.44
CA ILE A 129 20.08 -24.88 -15.05
C ILE A 129 21.26 -23.90 -15.24
N PHE A 130 22.18 -23.83 -14.30
CA PHE A 130 23.24 -22.80 -14.50
C PHE A 130 24.15 -23.05 -15.72
N PRO A 131 24.60 -24.31 -15.97
CA PRO A 131 25.36 -24.54 -17.18
C PRO A 131 24.50 -24.34 -18.43
N LEU A 132 23.21 -24.59 -18.36
CA LEU A 132 22.29 -24.36 -19.50
C LEU A 132 22.26 -22.89 -19.94
N ILE A 133 22.30 -21.96 -18.99
CA ILE A 133 22.12 -20.51 -19.30
C ILE A 133 23.46 -19.74 -19.31
N GLN A 134 24.53 -20.38 -18.85
CA GLN A 134 25.89 -19.83 -18.94
C GLN A 134 26.17 -19.38 -20.35
N GLY A 135 26.68 -18.17 -20.47
CA GLY A 135 27.02 -17.61 -21.76
C GLY A 135 25.81 -17.15 -22.59
N THR A 136 24.63 -17.01 -21.95
CA THR A 136 23.39 -16.61 -22.67
C THR A 136 22.83 -15.42 -21.89
N SER A 137 21.79 -14.81 -22.39
CA SER A 137 21.21 -13.75 -21.63
C SER A 137 19.90 -14.16 -20.95
N TRP A 138 19.65 -15.45 -20.83
CA TRP A 138 18.58 -15.94 -19.94
C TRP A 138 18.74 -15.47 -18.49
N GLN A 139 17.60 -15.08 -17.90
CA GLN A 139 17.49 -14.71 -16.51
C GLN A 139 16.87 -15.85 -15.70
N VAL A 140 17.03 -15.84 -14.40
CA VAL A 140 16.64 -16.92 -13.48
C VAL A 140 16.00 -16.45 -12.20
N ILE A 141 14.83 -17.00 -11.84
CA ILE A 141 14.31 -16.84 -10.53
C ILE A 141 15.01 -17.88 -9.62
N ALA A 142 15.41 -17.44 -8.43
CA ALA A 142 16.09 -18.29 -7.49
C ALA A 142 15.39 -18.19 -6.15
N LEU A 143 14.82 -19.29 -5.66
CA LEU A 143 14.12 -19.34 -4.44
C LEU A 143 15.09 -19.58 -3.28
N THR A 144 14.86 -18.89 -2.17
CA THR A 144 15.74 -19.10 -1.00
C THR A 144 15.26 -20.27 -0.18
N CYS A 145 15.44 -21.46 -0.72
CA CYS A 145 15.15 -22.74 0.01
C CYS A 145 16.16 -23.80 -0.48
N ASP A 146 16.26 -24.91 0.25
CA ASP A 146 17.27 -25.94 0.03
C ASP A 146 16.67 -27.32 0.35
N ASN A 147 17.49 -28.35 0.52
CA ASN A 147 16.97 -29.68 0.75
C ASN A 147 16.15 -29.86 2.02
N SER A 148 16.38 -29.04 3.04
CA SER A 148 15.53 -29.00 4.24
C SER A 148 14.17 -28.35 4.06
N GLY A 149 13.89 -27.71 2.94
CA GLY A 149 12.59 -27.08 2.75
C GLY A 149 12.66 -25.57 2.94
N ILE A 150 11.56 -24.99 3.42
CA ILE A 150 11.45 -23.56 3.59
C ILE A 150 12.16 -23.15 4.84
N PRO A 151 13.05 -22.16 4.74
CA PRO A 151 13.84 -21.75 5.87
C PRO A 151 13.02 -21.16 7.03
N GLN A 152 13.62 -21.21 8.21
CA GLN A 152 12.88 -20.94 9.42
C GLN A 152 12.96 -19.49 9.91
N ASP A 153 13.82 -18.68 9.30
CA ASP A 153 13.97 -17.29 9.71
C ASP A 153 14.59 -16.42 8.62
N VAL A 154 14.75 -15.12 8.89
CA VAL A 154 15.33 -14.20 7.94
C VAL A 154 16.79 -14.50 7.58
N GLN A 155 17.61 -14.77 8.60
CA GLN A 155 19.03 -14.90 8.33
C GLN A 155 19.35 -16.12 7.41
N SER A 156 18.58 -17.19 7.54
CA SER A 156 18.74 -18.41 6.70
C SER A 156 18.43 -18.04 5.25
N ARG A 157 17.42 -17.20 5.07
CA ARG A 157 17.08 -16.77 3.70
C ARG A 157 18.18 -15.95 3.09
N VAL A 158 18.72 -14.99 3.86
CA VAL A 158 19.81 -14.16 3.40
C VAL A 158 21.07 -15.01 3.06
N GLU A 159 21.38 -15.99 3.89
CA GLU A 159 22.55 -16.87 3.67
C GLU A 159 22.33 -17.70 2.42
N ILE A 160 21.15 -18.24 2.26
CA ILE A 160 20.85 -19.03 1.02
C ILE A 160 20.95 -18.16 -0.18
N ALA A 161 20.43 -16.91 -0.08
CA ALA A 161 20.64 -15.97 -1.18
C ALA A 161 22.10 -15.83 -1.60
N GLN A 162 22.95 -15.69 -0.60
CA GLN A 162 24.39 -15.51 -0.83
C GLN A 162 24.95 -16.74 -1.49
N ALA A 163 24.51 -17.89 -1.04
CA ALA A 163 24.99 -19.16 -1.66
C ALA A 163 24.59 -19.30 -3.15
N LEU A 164 23.40 -18.83 -3.47
CA LEU A 164 22.90 -18.86 -4.82
C LEU A 164 23.69 -17.92 -5.72
N VAL A 165 23.95 -16.70 -5.22
CA VAL A 165 24.64 -15.73 -5.99
C VAL A 165 26.03 -16.23 -6.24
N GLU A 166 26.64 -16.77 -5.22
CA GLU A 166 28.02 -17.26 -5.45
C GLU A 166 28.14 -18.43 -6.43
N LYS A 167 27.18 -19.34 -6.43
CA LYS A 167 27.18 -20.46 -7.34
C LYS A 167 26.86 -19.96 -8.72
N ALA A 168 25.94 -18.98 -8.86
CA ALA A 168 25.70 -18.41 -10.16
C ALA A 168 26.92 -17.76 -10.79
N GLN A 169 27.63 -17.01 -9.99
CA GLN A 169 28.88 -16.35 -10.40
C GLN A 169 29.96 -17.32 -10.93
N SER A 170 30.04 -18.51 -10.36
CA SER A 170 30.95 -19.57 -10.85
C SER A 170 30.65 -19.97 -12.31
N TYR A 171 29.41 -19.72 -12.77
CA TYR A 171 29.06 -19.79 -14.17
C TYR A 171 28.95 -18.43 -14.91
N ASP A 172 29.60 -17.40 -14.40
CA ASP A 172 29.59 -16.07 -14.99
C ASP A 172 28.19 -15.46 -15.14
N ILE A 173 27.23 -15.90 -14.33
CA ILE A 173 25.86 -15.32 -14.34
C ILE A 173 25.85 -14.15 -13.32
N ALA A 174 25.77 -12.96 -13.85
CA ALA A 174 25.76 -11.67 -13.12
C ALA A 174 24.50 -11.45 -12.27
N GLN A 175 24.67 -10.74 -11.15
CA GLN A 175 23.60 -10.44 -10.23
C GLN A 175 22.35 -9.89 -10.92
N GLU A 176 22.57 -9.06 -11.95
CA GLU A 176 21.48 -8.39 -12.66
C GLU A 176 20.54 -9.43 -13.36
N ARG A 177 21.03 -10.63 -13.56
CA ARG A 177 20.22 -11.71 -14.19
C ARG A 177 19.42 -12.56 -13.24
N ILE A 178 19.52 -12.32 -11.94
CA ILE A 178 18.96 -13.15 -10.91
C ILE A 178 17.81 -12.40 -10.20
N HIS A 179 16.71 -13.08 -10.03
CA HIS A 179 15.56 -12.58 -9.25
C HIS A 179 15.42 -13.46 -8.03
N ILE A 180 15.84 -12.96 -6.87
CA ILE A 180 15.83 -13.74 -5.67
C ILE A 180 14.45 -13.69 -5.06
N ASP A 181 13.84 -14.82 -4.77
CA ASP A 181 12.54 -14.87 -4.07
C ASP A 181 12.76 -15.35 -2.67
N PRO A 182 12.61 -14.47 -1.67
CA PRO A 182 12.82 -14.83 -0.26
C PRO A 182 11.58 -15.46 0.44
N LEU A 183 10.62 -15.90 -0.33
CA LEU A 183 9.59 -16.81 0.10
C LEU A 183 8.76 -16.35 1.29
N VAL A 184 7.90 -15.40 1.01
CA VAL A 184 7.01 -14.85 1.99
C VAL A 184 6.10 -15.94 2.54
N ILE A 185 5.90 -15.82 3.85
CA ILE A 185 5.03 -16.71 4.63
C ILE A 185 3.59 -16.16 4.65
N ALA A 186 2.63 -17.02 4.96
CA ALA A 186 1.23 -16.62 5.18
C ALA A 186 1.13 -15.76 6.45
N LEU A 187 0.57 -14.58 6.28
CA LEU A 187 0.37 -13.65 7.40
C LEU A 187 -0.43 -14.34 8.54
N SER A 188 -1.44 -15.16 8.19
CA SER A 188 -2.19 -15.97 9.20
C SER A 188 -1.31 -16.92 10.04
N ALA A 189 -0.23 -17.43 9.46
CA ALA A 189 0.76 -18.25 10.18
C ALA A 189 1.87 -17.45 10.89
N ASP A 190 2.24 -16.28 10.38
CA ASP A 190 3.22 -15.43 11.05
C ASP A 190 2.87 -13.95 10.81
N ASN A 191 2.46 -13.24 11.86
CA ASN A 191 1.95 -11.86 11.68
C ASN A 191 3.10 -10.88 11.26
N GLY A 192 4.33 -11.35 11.35
CA GLY A 192 5.49 -10.57 10.92
C GLY A 192 5.90 -10.85 9.46
N ALA A 193 5.06 -11.57 8.73
CA ALA A 193 5.44 -12.06 7.39
C ALA A 193 5.92 -10.98 6.44
N LEU A 194 5.25 -9.83 6.40
CA LEU A 194 5.65 -8.79 5.48
C LEU A 194 6.84 -8.09 6.06
N LEU A 195 6.84 -7.88 7.39
CA LEU A 195 7.96 -7.18 8.01
C LEU A 195 9.29 -7.94 7.71
N LYS A 196 9.22 -9.24 7.79
CA LYS A 196 10.35 -10.15 7.54
C LYS A 196 10.73 -10.24 6.08
N PHE A 197 9.73 -10.21 5.24
CA PHE A 197 9.99 -10.06 3.82
C PHE A 197 10.81 -8.76 3.56
N ALA A 198 10.42 -7.62 4.14
CA ALA A 198 11.08 -6.35 3.88
C ALA A 198 12.51 -6.32 4.38
N GLU A 199 12.70 -6.93 5.54
CA GLU A 199 14.04 -7.04 6.13
C GLU A 199 14.96 -7.99 5.31
N ALA A 200 14.43 -9.11 4.84
CA ALA A 200 15.22 -9.95 3.93
C ALA A 200 15.56 -9.18 2.69
N THR A 201 14.60 -8.48 2.10
CA THR A 201 14.83 -7.71 0.92
C THR A 201 15.92 -6.63 1.12
N ARG A 202 15.82 -5.90 2.22
CA ARG A 202 16.80 -4.89 2.54
C ARG A 202 18.21 -5.46 2.58
N GLN A 203 18.39 -6.54 3.29
CA GLN A 203 19.74 -7.19 3.43
C GLN A 203 20.34 -7.71 2.13
N ILE A 204 19.51 -8.41 1.36
CA ILE A 204 19.91 -8.92 0.06
C ILE A 204 20.30 -7.82 -0.92
N LYS A 205 19.50 -6.78 -1.07
CA LYS A 205 19.83 -5.74 -2.00
C LYS A 205 21.05 -4.90 -1.51
N ALA A 206 21.26 -4.83 -0.22
CA ALA A 206 22.47 -4.15 0.33
C ALA A 206 23.70 -4.91 -0.07
N ASN A 207 23.63 -6.25 -0.01
CA ASN A 207 24.73 -7.09 -0.33
C ASN A 207 24.91 -7.09 -1.81
N TYR A 208 23.80 -7.08 -2.58
CA TYR A 208 23.86 -7.25 -4.02
C TYR A 208 23.04 -6.15 -4.69
N PRO A 209 23.60 -4.97 -4.85
CA PRO A 209 22.83 -3.81 -5.34
C PRO A 209 22.24 -3.93 -6.73
N MET A 210 22.81 -4.79 -7.56
CA MET A 210 22.35 -4.96 -8.91
C MET A 210 21.34 -6.09 -9.07
N ILE A 211 21.12 -6.88 -8.03
CA ILE A 211 20.18 -8.02 -8.06
C ILE A 211 18.70 -7.59 -8.03
N ASN A 212 17.79 -8.50 -8.37
CA ASN A 212 16.39 -8.26 -8.34
C ASN A 212 15.78 -9.09 -7.23
N VAL A 213 14.83 -8.56 -6.49
CA VAL A 213 14.09 -9.33 -5.46
C VAL A 213 12.68 -9.48 -6.07
N THR A 214 12.11 -10.69 -6.01
CA THR A 214 10.85 -11.04 -6.67
C THR A 214 9.93 -11.72 -5.66
N SER A 215 8.62 -11.72 -5.92
CA SER A 215 7.70 -12.52 -5.14
C SER A 215 6.44 -12.80 -5.97
N GLY A 216 5.73 -13.86 -5.60
CA GLY A 216 4.32 -13.98 -5.90
C GLY A 216 3.46 -13.18 -4.92
N LEU A 217 2.21 -12.96 -5.27
CA LEU A 217 1.38 -12.15 -4.39
C LEU A 217 0.42 -12.96 -3.53
N SER A 218 0.18 -14.21 -3.83
CA SER A 218 -0.93 -14.91 -3.17
C SER A 218 -0.60 -15.65 -1.85
N ASN A 219 0.62 -16.15 -1.64
CA ASN A 219 0.93 -16.83 -0.38
C ASN A 219 0.74 -16.01 0.88
N ILE A 220 0.96 -14.72 0.80
CA ILE A 220 0.73 -13.85 1.95
C ILE A 220 -0.69 -13.97 2.57
N SER A 221 -1.70 -14.28 1.79
CA SER A 221 -3.09 -14.13 2.20
C SER A 221 -3.78 -15.45 2.47
N PHE A 222 -3.05 -16.56 2.36
CA PHE A 222 -3.65 -17.86 2.66
C PHE A 222 -4.23 -17.89 4.08
N GLY A 223 -5.49 -18.31 4.20
CA GLY A 223 -6.13 -18.45 5.54
C GLY A 223 -6.85 -17.17 5.98
N MET A 224 -6.86 -16.17 5.08
CA MET A 224 -7.54 -14.91 5.33
C MET A 224 -8.71 -14.81 4.39
N PRO A 225 -9.77 -14.08 4.78
CA PRO A 225 -10.79 -13.72 3.80
C PRO A 225 -10.36 -12.52 2.95
N LEU A 226 -11.13 -12.19 1.92
CA LEU A 226 -10.86 -11.06 1.00
C LEU A 226 -9.36 -11.09 0.50
N ARG A 227 -8.95 -12.26 0.06
CA ARG A 227 -7.55 -12.47 -0.28
C ARG A 227 -7.08 -11.43 -1.29
N LYS A 228 -7.93 -11.05 -2.25
CA LYS A 228 -7.50 -10.06 -3.28
C LYS A 228 -7.09 -8.73 -2.66
N VAL A 229 -7.86 -8.28 -1.69
CA VAL A 229 -7.53 -7.08 -0.96
C VAL A 229 -6.17 -7.19 -0.22
N VAL A 230 -5.94 -8.31 0.45
CA VAL A 230 -4.69 -8.52 1.22
C VAL A 230 -3.53 -8.55 0.22
N ASN A 231 -3.71 -9.31 -0.85
CA ASN A 231 -2.69 -9.41 -1.91
C ASN A 231 -2.29 -7.98 -2.47
N GLN A 232 -3.28 -7.13 -2.77
CA GLN A 232 -3.08 -5.80 -3.31
C GLN A 232 -2.31 -4.93 -2.34
N ASN A 233 -2.67 -4.96 -1.04
CA ASN A 233 -1.90 -4.16 -0.03
C ASN A 233 -0.51 -4.73 0.20
N PHE A 234 -0.37 -6.05 0.08
CA PHE A 234 0.96 -6.66 0.10
C PHE A 234 1.83 -6.12 -1.04
N LEU A 235 1.27 -6.06 -2.22
CA LEU A 235 1.96 -5.57 -3.41
C LEU A 235 2.47 -4.11 -3.19
N THR A 236 1.59 -3.26 -2.65
CA THR A 236 1.92 -1.86 -2.42
C THR A 236 3.10 -1.76 -1.44
N LEU A 237 2.98 -2.45 -0.32
CA LEU A 237 4.02 -2.41 0.70
C LEU A 237 5.33 -3.07 0.26
N ALA A 238 5.23 -4.21 -0.45
CA ALA A 238 6.43 -4.88 -0.96
C ALA A 238 7.18 -3.99 -1.92
N MET A 239 6.45 -3.28 -2.79
CA MET A 239 7.06 -2.31 -3.68
C MET A 239 7.84 -1.21 -2.97
N PHE A 240 7.23 -0.63 -1.95
CA PHE A 240 7.91 0.40 -1.17
C PHE A 240 9.10 -0.24 -0.43
N ALA A 241 9.00 -1.51 -0.04
CA ALA A 241 10.15 -2.21 0.58
C ALA A 241 11.32 -2.51 -0.35
N GLY A 242 11.11 -2.38 -1.65
CA GLY A 242 12.19 -2.59 -2.62
C GLY A 242 11.99 -3.75 -3.61
N MET A 243 10.81 -4.41 -3.66
CA MET A 243 10.57 -5.49 -4.64
C MET A 243 10.77 -4.98 -6.07
N ASP A 244 11.57 -5.70 -6.86
CA ASP A 244 11.85 -5.39 -8.29
C ASP A 244 10.97 -6.02 -9.39
N SER A 245 10.49 -7.23 -9.12
CA SER A 245 9.64 -7.98 -10.04
C SER A 245 8.61 -8.75 -9.27
N ALA A 246 7.50 -9.12 -9.94
CA ALA A 246 6.52 -9.97 -9.33
C ALA A 246 5.76 -10.81 -10.36
N ILE A 247 5.34 -12.00 -9.94
N ILE A 247 5.31 -11.98 -9.93
CA ILE A 247 4.51 -12.84 -10.75
CA ILE A 247 4.48 -12.84 -10.73
C ILE A 247 3.09 -12.56 -10.28
C ILE A 247 3.07 -12.55 -10.28
N LEU A 248 2.23 -12.09 -11.20
CA LEU A 248 0.86 -11.68 -10.85
C LEU A 248 -0.04 -11.69 -12.06
N ASP A 249 -1.31 -11.40 -11.83
CA ASP A 249 -2.31 -11.38 -12.89
C ASP A 249 -2.60 -9.95 -13.32
N PRO A 250 -2.06 -9.55 -14.48
CA PRO A 250 -2.18 -8.15 -14.91
C PRO A 250 -3.51 -7.82 -15.54
N LEU A 251 -4.34 -8.84 -15.71
CA LEU A 251 -5.69 -8.64 -16.20
C LEU A 251 -6.68 -8.30 -15.07
N ASN A 252 -6.22 -8.37 -13.84
CA ASN A 252 -7.05 -8.03 -12.65
C ASN A 252 -7.01 -6.55 -12.55
N ARG A 253 -8.12 -5.92 -12.91
CA ARG A 253 -8.10 -4.52 -13.06
C ARG A 253 -7.88 -3.72 -11.75
N ASP A 254 -8.36 -4.19 -10.62
CA ASP A 254 -8.15 -3.50 -9.32
C ASP A 254 -6.68 -3.59 -8.89
N LEU A 255 -6.08 -4.76 -9.14
CA LEU A 255 -4.66 -4.97 -8.86
C LEU A 255 -3.79 -4.09 -9.76
N LEU A 256 -4.13 -4.02 -11.05
CA LEU A 256 -3.42 -3.18 -11.98
C LEU A 256 -3.52 -1.70 -11.58
N ALA A 257 -4.71 -1.25 -11.16
CA ALA A 257 -4.89 0.10 -10.63
C ALA A 257 -3.98 0.35 -9.41
N ALA A 258 -3.92 -0.59 -8.46
CA ALA A 258 -3.05 -0.46 -7.27
C ALA A 258 -1.56 -0.35 -7.69
N LEU A 259 -1.15 -1.30 -8.55
CA LEU A 259 0.22 -1.33 -9.09
C LEU A 259 0.62 0.03 -9.69
N LEU A 260 -0.20 0.56 -10.59
CA LEU A 260 0.13 1.81 -11.28
C LEU A 260 0.04 3.04 -10.38
N ALA A 261 -0.93 3.03 -9.48
CA ALA A 261 -1.03 4.10 -8.43
C ALA A 261 0.26 4.13 -7.56
N THR A 262 0.74 2.94 -7.17
CA THR A 262 1.94 2.87 -6.37
C THR A 262 3.16 3.33 -7.12
N GLU A 263 3.28 2.96 -8.41
CA GLU A 263 4.38 3.41 -9.18
C GLU A 263 4.49 4.94 -9.14
N ALA A 264 3.33 5.59 -9.32
CA ALA A 264 3.24 7.06 -9.32
C ALA A 264 3.60 7.61 -7.97
N LEU A 265 3.04 6.98 -6.94
CA LEU A 265 3.35 7.39 -5.56
C LEU A 265 4.82 7.19 -5.14
N LEU A 266 5.51 6.22 -5.73
CA LEU A 266 6.92 6.03 -5.43
C LEU A 266 7.84 6.92 -6.34
N GLY A 267 7.23 7.81 -7.12
CA GLY A 267 7.96 8.78 -7.90
C GLY A 267 8.50 8.23 -9.19
N ARG A 268 7.97 7.11 -9.63
CA ARG A 268 8.47 6.49 -10.85
C ARG A 268 7.65 6.70 -12.10
N ASP A 269 6.61 7.51 -12.03
CA ASP A 269 5.70 7.72 -13.19
C ASP A 269 5.67 9.25 -13.40
N LYS A 270 6.62 9.76 -14.21
CA LYS A 270 6.77 11.20 -14.43
C LYS A 270 5.44 11.78 -14.90
N HIS A 271 5.08 12.91 -14.31
CA HIS A 271 3.76 13.57 -14.42
C HIS A 271 2.54 12.66 -14.28
N CYS A 272 2.72 11.52 -13.64
CA CYS A 272 1.67 10.54 -13.55
C CYS A 272 1.06 10.13 -14.92
N ARG A 273 1.87 10.14 -15.99
CA ARG A 273 1.35 9.96 -17.40
C ARG A 273 0.84 8.54 -17.64
N ASN A 274 1.61 7.56 -17.17
CA ASN A 274 1.24 6.16 -17.32
C ASN A 274 -0.10 5.90 -16.68
N PHE A 275 -0.30 6.43 -15.46
CA PHE A 275 -1.58 6.24 -14.75
C PHE A 275 -2.72 6.95 -15.47
N ALA A 276 -2.48 8.19 -15.89
CA ALA A 276 -3.47 8.98 -16.64
C ALA A 276 -3.90 8.24 -17.89
N ASN A 277 -2.93 7.75 -18.62
CA ASN A 277 -3.22 6.94 -19.83
C ASN A 277 -4.02 5.68 -19.61
N ALA A 278 -3.54 4.81 -18.73
CA ALA A 278 -4.25 3.60 -18.43
C ALA A 278 -5.68 3.94 -18.00
N TYR A 279 -5.90 5.11 -17.41
CA TYR A 279 -7.26 5.54 -17.16
C TYR A 279 -8.01 6.01 -18.46
N ARG A 280 -7.31 6.78 -19.29
CA ARG A 280 -7.83 7.23 -20.59
C ARG A 280 -8.25 6.05 -21.44
N LYS A 281 -7.37 5.06 -21.57
CA LYS A 281 -7.61 3.89 -22.44
C LYS A 281 -8.55 2.88 -21.78
N ASN A 282 -9.13 3.24 -20.65
CA ASN A 282 -10.02 2.35 -19.92
C ASN A 282 -9.40 1.01 -19.50
N LYS A 283 -8.07 0.92 -19.36
CA LYS A 283 -7.44 -0.32 -18.76
C LYS A 283 -7.54 -0.38 -17.22
N ILE A 284 -7.88 0.74 -16.60
CA ILE A 284 -8.19 0.78 -15.18
C ILE A 284 -9.40 1.71 -15.01
N GLY A 285 -10.01 1.61 -13.84
CA GLY A 285 -11.26 2.29 -13.52
C GLY A 285 -12.48 1.43 -13.79
N PRO A 286 -13.66 2.00 -13.62
CA PRO A 286 -14.89 1.29 -14.03
C PRO A 286 -14.85 0.81 -15.51
N LEU A 287 -15.23 -0.44 -15.74
CA LEU A 287 -15.20 -1.05 -17.09
C LEU A 287 -16.30 -0.38 -17.92
N LYS A 288 -15.87 0.33 -18.98
CA LYS A 288 -16.75 0.83 -20.07
C LYS A 288 -17.09 -0.29 -21.06
N HIS B 20 1.25 0.60 17.59
CA HIS B 20 -0.20 0.90 17.81
C HIS B 20 -1.06 1.08 16.52
N MET B 21 -2.29 0.68 16.65
CA MET B 21 -3.29 0.79 15.64
C MET B 21 -3.43 2.27 15.18
N LEU B 22 -3.64 2.48 13.88
CA LEU B 22 -3.89 3.78 13.33
C LEU B 22 -5.10 4.43 14.03
N ILE B 23 -4.96 5.67 14.44
CA ILE B 23 -6.04 6.43 15.10
C ILE B 23 -6.89 7.06 13.97
N ILE B 24 -8.17 6.84 14.00
CA ILE B 24 -9.06 7.27 12.93
C ILE B 24 -9.92 8.47 13.35
N ILE B 25 -9.86 9.56 12.60
CA ILE B 25 -10.65 10.76 12.84
C ILE B 25 -11.69 10.76 11.68
N GLY B 26 -12.95 10.53 12.03
CA GLY B 26 -14.03 10.33 11.02
C GLY B 26 -14.45 11.71 10.48
N GLU B 27 -14.38 11.89 9.17
CA GLU B 27 -14.45 13.16 8.55
C GLU B 27 -15.84 13.55 8.03
N LYS B 28 -16.87 12.70 8.13
CA LYS B 28 -18.09 12.97 7.39
C LYS B 28 -18.97 14.14 7.85
N ILE B 29 -18.91 14.54 9.10
CA ILE B 29 -19.82 15.65 9.57
C ILE B 29 -19.18 17.02 9.32
N ASN B 30 -19.31 17.45 8.08
CA ASN B 30 -18.58 18.61 7.60
C ASN B 30 -19.54 19.35 6.64
N GLY B 31 -19.88 20.57 6.97
CA GLY B 31 -20.85 21.34 6.23
C GLY B 31 -20.44 21.74 4.81
N THR B 32 -19.25 21.44 4.37
CA THR B 32 -18.98 21.52 2.94
C THR B 32 -19.70 20.44 2.14
N ILE B 33 -20.05 19.33 2.75
CA ILE B 33 -20.81 18.25 2.08
C ILE B 33 -22.30 18.65 1.93
N PRO B 34 -22.80 18.67 0.67
CA PRO B 34 -24.09 19.29 0.52
C PRO B 34 -25.15 18.64 1.36
N SER B 35 -25.15 17.33 1.56
CA SER B 35 -26.23 16.76 2.43
C SER B 35 -26.10 17.25 3.86
N VAL B 36 -24.85 17.49 4.33
CA VAL B 36 -24.69 17.99 5.72
C VAL B 36 -25.07 19.46 5.84
N LYS B 37 -24.72 20.31 4.85
CA LYS B 37 -25.09 21.73 4.88
C LYS B 37 -26.62 21.80 4.94
N LYS B 38 -27.26 20.91 4.22
CA LYS B 38 -28.75 20.87 4.24
C LYS B 38 -29.35 20.51 5.60
N ALA B 39 -28.76 19.46 6.19
CA ALA B 39 -29.12 19.04 7.52
C ALA B 39 -29.00 20.13 8.56
N ILE B 40 -27.92 20.90 8.53
CA ILE B 40 -27.74 21.99 9.53
C ILE B 40 -28.80 23.10 9.29
N GLU B 41 -29.11 23.41 8.03
CA GLU B 41 -30.20 24.42 7.72
C GLU B 41 -31.54 23.92 8.18
N ALA B 42 -31.85 22.67 7.90
CA ALA B 42 -33.12 22.05 8.34
C ALA B 42 -33.15 21.63 9.81
N LYS B 43 -32.01 21.72 10.53
CA LYS B 43 -31.85 21.05 11.83
C LYS B 43 -32.33 19.58 11.80
N ASP B 44 -31.84 18.85 10.81
CA ASP B 44 -32.10 17.44 10.66
C ASP B 44 -31.16 16.68 11.61
N GLU B 45 -31.63 16.40 12.81
CA GLU B 45 -30.83 15.75 13.84
C GLU B 45 -30.57 14.32 13.47
N LYS B 46 -31.58 13.66 12.85
CA LYS B 46 -31.44 12.24 12.54
C LYS B 46 -30.23 11.92 11.61
N LEU B 47 -29.97 12.79 10.65
CA LEU B 47 -28.92 12.55 9.69
C LEU B 47 -27.58 12.61 10.43
N ILE B 48 -27.43 13.62 11.29
CA ILE B 48 -26.19 13.83 12.05
C ILE B 48 -25.94 12.71 13.02
N ARG B 49 -26.96 12.32 13.77
CA ARG B 49 -26.78 11.21 14.65
C ARG B 49 -26.39 9.92 13.91
N ASP B 50 -26.98 9.66 12.75
CA ASP B 50 -26.62 8.48 11.93
C ASP B 50 -25.11 8.51 11.51
N LEU B 51 -24.62 9.62 10.99
CA LEU B 51 -23.23 9.75 10.61
C LEU B 51 -22.31 9.52 11.84
N ALA B 52 -22.69 10.08 12.98
CA ALA B 52 -21.93 9.93 14.22
C ALA B 52 -21.84 8.46 14.63
N LEU B 53 -22.99 7.80 14.68
CA LEU B 53 -23.04 6.47 15.15
C LEU B 53 -22.35 5.48 14.20
N ARG B 54 -22.61 5.58 12.92
CA ARG B 54 -22.04 4.65 11.95
C ARG B 54 -20.53 4.85 11.87
N GLN B 55 -20.08 6.11 11.90
CA GLN B 55 -18.63 6.34 11.90
C GLN B 55 -17.95 5.70 13.16
N SER B 56 -18.53 5.86 14.36
CA SER B 56 -17.96 5.17 15.53
C SER B 56 -18.00 3.66 15.39
N GLU B 57 -19.08 3.13 14.84
CA GLU B 57 -19.20 1.67 14.65
C GLU B 57 -18.17 1.08 13.68
N ALA B 58 -17.70 1.90 12.75
CA ALA B 58 -16.79 1.57 11.75
C ALA B 58 -15.36 1.72 12.25
N GLY B 59 -15.21 2.18 13.49
CA GLY B 59 -13.98 2.20 14.21
C GLY B 59 -13.40 3.57 14.45
N ALA B 60 -14.10 4.66 14.15
CA ALA B 60 -13.57 6.00 14.51
C ALA B 60 -13.25 6.20 16.00
N ASP B 61 -12.09 6.84 16.26
CA ASP B 61 -11.65 7.21 17.56
C ASP B 61 -12.10 8.60 17.88
N TYR B 62 -12.36 9.40 16.86
CA TYR B 62 -12.87 10.76 17.05
C TYR B 62 -13.87 11.03 15.98
N ILE B 63 -14.82 11.89 16.31
CA ILE B 63 -15.81 12.34 15.30
C ILE B 63 -15.59 13.82 14.94
N ASP B 64 -15.06 14.10 13.76
CA ASP B 64 -14.83 15.49 13.31
C ASP B 64 -16.18 16.22 13.18
N VAL B 65 -16.24 17.45 13.65
CA VAL B 65 -17.40 18.31 13.40
C VAL B 65 -16.82 19.65 12.85
N CYS B 66 -17.35 20.05 11.70
CA CYS B 66 -16.87 21.19 10.94
C CYS B 66 -18.10 21.94 10.39
N ALA B 67 -18.32 23.19 10.83
CA ALA B 67 -19.61 23.90 10.50
C ALA B 67 -19.63 24.31 9.01
N SER B 68 -18.50 24.88 8.61
CA SER B 68 -18.25 25.40 7.28
C SER B 68 -19.43 26.27 6.78
N THR B 69 -19.95 27.08 7.69
CA THR B 69 -20.99 28.04 7.41
C THR B 69 -20.29 29.44 7.26
N SER B 70 -21.06 30.49 7.12
CA SER B 70 -20.50 31.78 7.36
C SER B 70 -19.92 31.91 8.82
N PRO B 71 -18.92 32.76 8.97
CA PRO B 71 -18.27 32.96 10.23
C PRO B 71 -19.23 33.35 11.37
N GLU B 72 -20.27 34.14 11.07
CA GLU B 72 -21.22 34.54 12.08
C GLU B 72 -22.14 33.40 12.53
N LEU B 73 -22.33 32.32 11.75
CA LEU B 73 -23.11 31.21 12.24
C LEU B 73 -22.22 30.05 12.74
N GLU B 74 -20.91 30.23 12.75
CA GLU B 74 -20.03 29.08 13.02
C GLU B 74 -20.21 28.56 14.43
N VAL B 75 -20.11 29.44 15.43
CA VAL B 75 -20.15 28.99 16.83
C VAL B 75 -21.49 28.26 17.19
N GLU B 76 -22.64 28.87 16.85
CA GLU B 76 -23.91 28.23 17.10
C GLU B 76 -24.05 26.91 16.36
N THR B 77 -23.56 26.83 15.12
CA THR B 77 -23.59 25.59 14.31
C THR B 77 -22.71 24.49 14.92
N LEU B 78 -21.50 24.82 15.38
CA LEU B 78 -20.66 23.83 16.10
C LEU B 78 -21.33 23.33 17.33
N GLN B 79 -21.98 24.23 18.07
CA GLN B 79 -22.60 23.84 19.30
C GLN B 79 -23.77 22.87 19.01
N TRP B 80 -24.54 23.16 17.98
CA TRP B 80 -25.59 22.27 17.57
C TRP B 80 -25.03 20.89 17.18
N LEU B 81 -24.01 20.87 16.33
CA LEU B 81 -23.39 19.62 15.88
C LEU B 81 -22.89 18.80 17.06
N MET B 82 -22.20 19.45 18.00
CA MET B 82 -21.60 18.82 19.17
C MET B 82 -22.72 18.22 20.03
N ASP B 83 -23.81 18.97 20.23
CA ASP B 83 -24.92 18.48 21.08
C ASP B 83 -25.48 17.21 20.42
N ILE B 84 -25.75 17.25 19.09
CA ILE B 84 -26.38 16.08 18.44
C ILE B 84 -25.44 14.85 18.41
N VAL B 85 -24.21 15.04 18.02
CA VAL B 85 -23.22 13.96 18.01
C VAL B 85 -23.15 13.26 19.37
N GLN B 86 -23.11 14.04 20.43
CA GLN B 86 -22.93 13.47 21.77
C GLN B 86 -24.18 12.74 22.29
N GLU B 87 -25.34 13.00 21.67
CA GLU B 87 -26.55 12.19 21.95
C GLU B 87 -26.39 10.82 21.37
N ALA B 88 -25.63 10.70 20.29
CA ALA B 88 -25.52 9.46 19.56
C ALA B 88 -24.36 8.59 19.94
N THR B 89 -23.26 9.17 20.41
CA THR B 89 -22.10 8.38 20.70
C THR B 89 -21.25 9.03 21.76
N ASP B 90 -20.54 8.18 22.51
CA ASP B 90 -19.53 8.57 23.45
C ASP B 90 -18.13 8.72 22.83
N THR B 91 -17.93 8.39 21.55
CA THR B 91 -16.65 8.59 20.89
C THR B 91 -16.39 10.08 20.88
N PRO B 92 -15.20 10.52 21.29
CA PRO B 92 -14.98 11.95 21.52
C PRO B 92 -14.93 12.76 20.23
N LEU B 93 -15.14 14.05 20.39
CA LEU B 93 -15.19 14.98 19.30
C LEU B 93 -13.81 15.44 18.79
N CYS B 94 -13.73 15.70 17.50
CA CYS B 94 -12.63 16.52 16.95
C CYS B 94 -13.24 17.82 16.45
N ILE B 95 -12.98 18.92 17.18
CA ILE B 95 -13.57 20.21 16.84
C ILE B 95 -12.72 20.80 15.73
N ASP B 96 -13.30 21.02 14.57
CA ASP B 96 -12.56 21.43 13.35
C ASP B 96 -12.98 22.84 12.97
N SER B 97 -12.11 23.82 13.24
CA SER B 97 -12.38 25.18 12.81
C SER B 97 -11.08 25.89 12.44
N PRO B 98 -11.12 26.84 11.49
CA PRO B 98 -9.88 27.59 11.27
C PRO B 98 -9.81 28.82 12.17
N ASN B 99 -10.81 29.01 13.03
CA ASN B 99 -10.91 30.17 13.89
C ASN B 99 -10.70 29.81 15.37
N PRO B 100 -9.53 30.11 15.92
CA PRO B 100 -9.30 29.77 17.34
C PRO B 100 -10.34 30.31 18.35
N ARG B 101 -10.99 31.44 18.04
CA ARG B 101 -12.01 31.97 18.94
C ARG B 101 -13.23 31.07 18.95
N ALA B 102 -13.63 30.56 17.79
CA ALA B 102 -14.78 29.58 17.76
C ALA B 102 -14.48 28.37 18.60
N ILE B 103 -13.27 27.81 18.45
CA ILE B 103 -12.85 26.70 19.34
C ILE B 103 -12.92 27.10 20.83
N GLN B 104 -12.42 28.29 21.19
CA GLN B 104 -12.57 28.73 22.57
C GLN B 104 -14.03 28.71 23.06
N GLN B 105 -14.94 29.10 22.18
CA GLN B 105 -16.29 29.40 22.54
C GLN B 105 -17.10 28.13 22.53
N VAL B 106 -16.59 27.00 22.00
CA VAL B 106 -17.37 25.78 22.08
C VAL B 106 -16.76 24.67 22.90
N LEU B 107 -15.53 24.85 23.33
CA LEU B 107 -14.84 23.73 24.03
C LEU B 107 -15.63 23.18 25.22
N LEU B 108 -16.33 24.08 25.92
CA LEU B 108 -17.08 23.72 27.10
C LEU B 108 -18.35 22.91 26.79
N TYR B 109 -18.75 22.86 25.54
CA TYR B 109 -19.90 22.03 25.12
C TYR B 109 -19.58 20.53 24.99
N ALA B 110 -18.31 20.16 25.00
CA ALA B 110 -17.87 18.79 24.89
C ALA B 110 -17.98 18.15 26.32
N LYS B 111 -18.59 16.98 26.40
CA LYS B 111 -18.76 16.25 27.69
C LYS B 111 -17.50 15.57 28.14
N ARG B 112 -16.51 15.49 27.25
CA ARG B 112 -15.27 14.80 27.54
C ARG B 112 -14.19 15.33 26.59
N PRO B 113 -12.90 15.23 27.00
CA PRO B 113 -11.82 15.74 26.15
C PRO B 113 -11.69 15.00 24.82
N GLY B 114 -11.43 15.75 23.79
CA GLY B 114 -11.27 15.23 22.41
C GLY B 114 -10.03 15.79 21.74
N LEU B 115 -10.18 16.09 20.45
CA LEU B 115 -9.12 16.58 19.59
C LEU B 115 -9.52 17.93 19.02
N ILE B 116 -8.55 18.83 18.90
CA ILE B 116 -8.69 20.10 18.26
C ILE B 116 -7.97 20.12 16.87
N ASN B 117 -8.71 20.53 15.82
CA ASN B 117 -8.21 20.56 14.43
C ASN B 117 -8.39 21.98 13.91
N SER B 118 -7.37 22.86 14.02
CA SER B 118 -5.96 22.56 14.35
C SER B 118 -5.26 23.86 14.79
N VAL B 119 -4.02 23.72 15.18
CA VAL B 119 -3.12 24.86 15.37
C VAL B 119 -2.04 24.84 14.33
N SER B 120 -1.35 25.96 14.18
CA SER B 120 -0.11 26.04 13.46
C SER B 120 0.66 27.20 14.04
N LEU B 121 1.73 27.59 13.36
CA LEU B 121 2.52 28.75 13.79
C LEU B 121 1.90 30.05 13.27
N GLU B 122 0.81 29.94 12.51
CA GLU B 122 0.16 31.12 11.99
C GLU B 122 -0.55 31.92 13.09
N GLY B 123 -0.61 33.24 12.88
CA GLY B 123 -1.35 34.12 13.77
C GLY B 123 -1.14 33.86 15.26
N ASP B 124 -2.25 33.73 15.94
CA ASP B 124 -2.29 33.43 17.33
C ASP B 124 -2.88 32.03 17.66
N LYS B 125 -2.84 31.13 16.72
CA LYS B 125 -3.46 29.81 16.92
C LYS B 125 -2.92 29.19 18.19
N CYS B 126 -1.59 29.13 18.35
CA CYS B 126 -1.03 28.47 19.51
C CYS B 126 -1.29 29.24 20.78
N GLU B 127 -1.13 30.56 20.71
CA GLU B 127 -1.35 31.45 21.89
C GLU B 127 -2.80 31.45 22.44
N VAL B 128 -3.76 31.15 21.57
CA VAL B 128 -5.13 31.05 22.01
C VAL B 128 -5.45 29.62 22.48
N ILE B 129 -5.08 28.63 21.72
CA ILE B 129 -5.52 27.27 21.97
C ILE B 129 -4.70 26.61 23.11
N PHE B 130 -3.41 26.89 23.18
CA PHE B 130 -2.59 26.18 24.20
C PHE B 130 -2.93 26.54 25.64
N PRO B 131 -3.16 27.83 25.97
CA PRO B 131 -3.70 28.04 27.32
C PRO B 131 -5.03 27.41 27.63
N LEU B 132 -5.93 27.34 26.66
N LEU B 132 -5.89 27.38 26.62
CA LEU B 132 -7.17 26.61 26.86
CA LEU B 132 -7.17 26.69 26.64
C LEU B 132 -7.00 25.15 27.20
C LEU B 132 -7.09 25.18 27.01
N ILE B 133 -6.03 24.47 26.61
CA ILE B 133 -5.94 23.01 26.82
C ILE B 133 -4.84 22.64 27.84
N GLN B 134 -4.12 23.64 28.35
CA GLN B 134 -3.10 23.41 29.33
C GLN B 134 -3.79 22.82 30.52
N GLY B 135 -3.18 21.76 31.07
CA GLY B 135 -3.73 21.17 32.29
C GLY B 135 -4.92 20.25 32.01
N THR B 136 -5.23 19.97 30.74
CA THR B 136 -6.43 19.13 30.41
C THR B 136 -5.85 18.01 29.62
N SER B 137 -6.68 17.05 29.24
CA SER B 137 -6.32 15.96 28.36
C SER B 137 -6.71 16.14 26.88
N TRP B 138 -7.10 17.35 26.48
CA TRP B 138 -7.37 17.61 25.03
C TRP B 138 -6.06 17.41 24.26
N GLN B 139 -6.20 16.82 23.09
CA GLN B 139 -5.16 16.72 22.08
C GLN B 139 -5.33 17.69 20.95
N VAL B 140 -4.26 17.93 20.21
CA VAL B 140 -4.25 18.90 19.21
C VAL B 140 -3.58 18.45 17.96
N ILE B 141 -4.18 18.76 16.82
CA ILE B 141 -3.53 18.66 15.53
C ILE B 141 -2.73 19.94 15.25
N ALA B 142 -1.47 19.77 14.94
CA ALA B 142 -0.61 20.89 14.60
C ALA B 142 -0.03 20.77 13.20
N LEU B 143 -0.38 21.74 12.34
CA LEU B 143 0.07 21.74 11.01
C LEU B 143 1.44 22.37 10.93
N THR B 144 2.30 21.81 10.09
CA THR B 144 3.64 22.45 9.88
C THR B 144 3.59 23.61 8.85
N CYS B 145 2.98 24.72 9.23
CA CYS B 145 2.96 25.93 8.41
C CYS B 145 2.98 27.12 9.33
N ASP B 146 3.28 28.28 8.78
CA ASP B 146 3.44 29.49 9.58
C ASP B 146 2.87 30.65 8.77
N ASN B 147 3.17 31.87 9.15
CA ASN B 147 2.53 33.00 8.48
C ASN B 147 2.89 33.13 6.99
N SER B 148 3.99 32.51 6.57
CA SER B 148 4.35 32.57 5.14
C SER B 148 3.63 31.52 4.30
N GLY B 149 2.82 30.65 4.92
CA GLY B 149 2.06 29.68 4.18
C GLY B 149 2.68 28.29 4.19
N ILE B 150 2.43 27.54 3.13
CA ILE B 150 2.86 26.15 3.10
C ILE B 150 4.40 26.13 2.93
N PRO B 151 5.13 25.36 3.74
CA PRO B 151 6.57 25.33 3.63
C PRO B 151 6.99 24.81 2.24
N GLN B 152 8.17 25.16 1.80
CA GLN B 152 8.55 24.75 0.46
C GLN B 152 9.41 23.48 0.41
N ASP B 153 9.86 22.94 1.55
CA ASP B 153 10.69 21.71 1.54
C ASP B 153 10.54 20.87 2.78
N VAL B 154 11.24 19.74 2.80
CA VAL B 154 11.17 18.88 3.92
C VAL B 154 11.77 19.54 5.14
N GLN B 155 12.96 20.13 5.01
CA GLN B 155 13.62 20.66 6.22
C GLN B 155 12.81 21.71 6.97
N SER B 156 12.14 22.58 6.21
CA SER B 156 11.35 23.65 6.80
C SER B 156 10.14 23.05 7.58
N ARG B 157 9.60 21.92 7.12
CA ARG B 157 8.50 21.20 7.85
C ARG B 157 9.01 20.64 9.16
N VAL B 158 10.17 20.01 9.06
CA VAL B 158 10.78 19.42 10.23
C VAL B 158 11.11 20.49 11.31
N GLU B 159 11.65 21.62 10.88
CA GLU B 159 11.95 22.75 11.80
C GLU B 159 10.70 23.37 12.43
N ILE B 160 9.62 23.44 11.66
CA ILE B 160 8.37 24.02 12.18
C ILE B 160 7.78 23.06 13.23
N ALA B 161 7.87 21.73 12.98
CA ALA B 161 7.46 20.74 14.00
C ALA B 161 8.19 20.88 15.34
N GLN B 162 9.51 21.09 15.26
CA GLN B 162 10.31 21.31 16.46
C GLN B 162 9.83 22.60 17.16
N ALA B 163 9.60 23.67 16.42
CA ALA B 163 9.08 24.96 17.00
C ALA B 163 7.70 24.80 17.69
N LEU B 164 6.80 24.04 17.04
CA LEU B 164 5.52 23.62 17.69
C LEU B 164 5.65 22.84 19.01
N VAL B 165 6.55 21.82 19.03
CA VAL B 165 6.75 21.01 20.20
C VAL B 165 7.30 21.85 21.33
N GLU B 166 8.25 22.72 21.02
CA GLU B 166 8.82 23.64 22.03
C GLU B 166 7.73 24.58 22.57
N LYS B 167 6.90 25.14 21.68
CA LYS B 167 5.85 26.04 22.16
C LYS B 167 4.90 25.33 23.02
N ALA B 168 4.53 24.11 22.57
CA ALA B 168 3.63 23.25 23.38
C ALA B 168 4.24 22.92 24.77
N GLN B 169 5.51 22.58 24.75
CA GLN B 169 6.12 22.22 26.01
C GLN B 169 6.14 23.44 27.00
N SER B 170 6.14 24.68 26.49
CA SER B 170 6.08 25.88 27.37
C SER B 170 4.74 26.00 28.14
N TYR B 171 3.77 25.19 27.69
CA TYR B 171 2.42 25.10 28.32
C TYR B 171 2.18 23.69 28.91
N ASP B 172 3.28 22.96 29.08
CA ASP B 172 3.26 21.60 29.63
C ASP B 172 2.46 20.55 28.80
N ILE B 173 2.28 20.82 27.52
CA ILE B 173 1.60 19.91 26.64
C ILE B 173 2.63 18.89 26.12
N ALA B 174 2.44 17.64 26.49
CA ALA B 174 3.34 16.55 26.18
C ALA B 174 3.24 16.20 24.70
N GLN B 175 4.30 15.60 24.19
CA GLN B 175 4.36 15.19 22.78
C GLN B 175 3.23 14.22 22.38
N GLU B 176 2.94 13.30 23.29
CA GLU B 176 1.86 12.31 23.16
C GLU B 176 0.49 12.95 22.76
N ARG B 177 0.29 14.19 23.15
CA ARG B 177 -0.99 14.90 22.88
C ARG B 177 -1.00 15.58 21.52
N ILE B 178 0.13 15.55 20.82
CA ILE B 178 0.28 16.32 19.60
C ILE B 178 0.26 15.46 18.37
N HIS B 179 -0.48 15.90 17.37
CA HIS B 179 -0.48 15.23 16.10
C HIS B 179 0.04 16.15 15.02
N ILE B 180 1.28 15.93 14.59
CA ILE B 180 1.90 16.82 13.67
C ILE B 180 1.48 16.44 12.26
N ASP B 181 0.91 17.37 11.51
CA ASP B 181 0.56 17.17 10.08
C ASP B 181 1.59 17.87 9.20
N PRO B 182 2.46 17.10 8.53
CA PRO B 182 3.52 17.65 7.68
C PRO B 182 3.04 18.02 6.27
N LEU B 183 1.72 18.10 6.09
CA LEU B 183 1.13 18.77 4.89
C LEU B 183 1.58 18.19 3.54
N VAL B 184 1.04 17.02 3.19
CA VAL B 184 1.37 16.36 1.93
C VAL B 184 0.93 17.23 0.73
N ILE B 185 1.70 17.24 -0.32
CA ILE B 185 1.35 18.04 -1.45
C ILE B 185 0.74 17.11 -2.55
N ALA B 186 0.18 17.69 -3.60
CA ALA B 186 -0.44 16.89 -4.66
C ALA B 186 0.67 16.15 -5.48
N LEU B 187 0.49 14.87 -5.66
CA LEU B 187 1.42 14.06 -6.44
C LEU B 187 1.51 14.62 -7.87
N SER B 188 0.37 15.04 -8.40
CA SER B 188 0.33 15.65 -9.80
C SER B 188 1.15 16.93 -9.91
N ALA B 189 1.30 17.69 -8.82
CA ALA B 189 2.22 18.86 -8.79
C ALA B 189 3.68 18.49 -8.47
N ASP B 190 3.88 17.44 -7.67
CA ASP B 190 5.24 17.07 -7.28
C ASP B 190 5.30 15.52 -7.14
N ASN B 191 6.02 14.86 -8.04
CA ASN B 191 6.00 13.43 -8.11
C ASN B 191 6.77 12.76 -6.94
N GLY B 192 7.59 13.55 -6.24
CA GLY B 192 8.12 13.15 -4.91
C GLY B 192 7.23 13.41 -3.70
N ALA B 193 5.94 13.71 -3.88
CA ALA B 193 5.07 14.08 -2.74
C ALA B 193 5.04 13.07 -1.62
N LEU B 194 4.85 11.78 -1.95
CA LEU B 194 4.79 10.75 -0.93
C LEU B 194 6.18 10.54 -0.40
N LEU B 195 7.17 10.52 -1.25
CA LEU B 195 8.54 10.24 -0.76
C LEU B 195 8.96 11.35 0.27
N LYS B 196 8.56 12.58 -0.01
CA LYS B 196 8.84 13.72 0.90
C LYS B 196 8.03 13.68 2.18
N PHE B 197 6.81 13.20 2.09
CA PHE B 197 5.95 13.01 3.27
C PHE B 197 6.61 11.94 4.16
N ALA B 198 7.05 10.84 3.56
CA ALA B 198 7.70 9.76 4.32
C ALA B 198 8.98 10.26 4.97
N GLU B 199 9.75 11.05 4.26
CA GLU B 199 11.00 11.56 4.86
C GLU B 199 10.75 12.54 6.03
N ALA B 200 9.81 13.48 5.84
CA ALA B 200 9.44 14.32 6.99
C ALA B 200 8.96 13.51 8.16
N THR B 201 8.09 12.51 7.92
CA THR B 201 7.54 11.66 8.97
C THR B 201 8.66 10.92 9.71
N ARG B 202 9.53 10.33 8.91
CA ARG B 202 10.69 9.65 9.44
C ARG B 202 11.53 10.56 10.33
N GLN B 203 11.88 11.77 9.89
CA GLN B 203 12.68 12.66 10.71
C GLN B 203 11.96 13.18 11.95
N ILE B 204 10.69 13.51 11.82
CA ILE B 204 9.89 13.93 12.97
C ILE B 204 9.78 12.85 14.05
N LYS B 205 9.50 11.62 13.63
CA LYS B 205 9.30 10.52 14.55
C LYS B 205 10.67 10.16 15.17
N ALA B 206 11.73 10.23 14.37
CA ALA B 206 13.11 10.05 14.90
C ALA B 206 13.48 11.03 16.02
N ASN B 207 13.16 12.30 15.81
CA ASN B 207 13.42 13.32 16.81
C ASN B 207 12.49 13.23 18.02
N TYR B 208 11.24 12.79 17.78
CA TYR B 208 10.20 12.78 18.78
C TYR B 208 9.42 11.46 18.70
N PRO B 209 9.97 10.40 19.25
CA PRO B 209 9.38 9.09 19.13
C PRO B 209 7.99 8.96 19.72
N MET B 210 7.67 9.77 20.71
CA MET B 210 6.31 9.77 21.32
C MET B 210 5.26 10.63 20.56
N ILE B 211 5.67 11.37 19.56
CA ILE B 211 4.71 12.29 18.88
C ILE B 211 3.82 11.50 17.91
N ASN B 212 2.66 12.05 17.56
CA ASN B 212 1.87 11.39 16.55
C ASN B 212 2.09 12.11 15.24
N VAL B 213 2.10 11.38 14.13
CA VAL B 213 2.05 12.02 12.80
C VAL B 213 0.72 11.71 12.18
N THR B 214 0.12 12.72 11.54
CA THR B 214 -1.27 12.64 11.03
C THR B 214 -1.34 13.27 9.65
N SER B 215 -2.37 12.89 8.88
CA SER B 215 -2.61 13.51 7.61
C SER B 215 -4.06 13.23 7.24
N GLY B 216 -4.58 14.05 6.36
CA GLY B 216 -5.71 13.66 5.54
C GLY B 216 -5.24 12.83 4.36
N LEU B 217 -6.17 12.21 3.65
CA LEU B 217 -5.77 11.44 2.50
C LEU B 217 -5.96 12.21 1.14
N SER B 218 -6.92 13.10 1.05
CA SER B 218 -7.34 13.66 -0.25
C SER B 218 -6.38 14.48 -1.00
N ASN B 219 -5.61 15.31 -0.29
CA ASN B 219 -4.68 16.23 -0.98
C ASN B 219 -3.66 15.56 -1.94
N ILE B 220 -3.22 14.34 -1.63
CA ILE B 220 -2.25 13.64 -2.49
C ILE B 220 -2.72 13.45 -3.95
N SER B 221 -4.02 13.25 -4.11
CA SER B 221 -4.64 12.84 -5.36
C SER B 221 -5.32 13.94 -6.22
N PHE B 222 -5.29 15.17 -5.76
CA PHE B 222 -5.78 16.30 -6.53
C PHE B 222 -5.14 16.33 -7.90
N GLY B 223 -5.98 16.36 -8.94
CA GLY B 223 -5.45 16.50 -10.30
C GLY B 223 -5.21 15.17 -10.97
N MET B 224 -5.63 14.09 -10.32
CA MET B 224 -5.45 12.75 -10.87
C MET B 224 -6.79 12.12 -11.07
N PRO B 225 -6.89 11.18 -12.01
CA PRO B 225 -8.11 10.37 -12.08
C PRO B 225 -8.13 9.32 -10.97
N LEU B 226 -9.28 8.69 -10.74
CA LEU B 226 -9.46 7.60 -9.77
C LEU B 226 -8.87 7.97 -8.40
N ARG B 227 -9.35 9.10 -7.86
CA ARG B 227 -8.74 9.65 -6.65
C ARG B 227 -8.83 8.69 -5.48
N LYS B 228 -9.94 7.95 -5.39
CA LYS B 228 -10.12 6.98 -4.32
C LYS B 228 -9.05 5.88 -4.29
N VAL B 229 -8.66 5.42 -5.48
CA VAL B 229 -7.55 4.42 -5.60
C VAL B 229 -6.22 5.05 -5.14
N VAL B 230 -5.95 6.25 -5.59
CA VAL B 230 -4.71 6.94 -5.23
C VAL B 230 -4.64 7.17 -3.71
N ASN B 231 -5.73 7.68 -3.18
CA ASN B 231 -5.86 7.96 -1.73
C ASN B 231 -5.61 6.68 -0.90
N GLN B 232 -6.20 5.55 -1.33
CA GLN B 232 -6.07 4.29 -0.63
C GLN B 232 -4.62 3.77 -0.65
N ASN B 233 -3.96 3.85 -1.79
CA ASN B 233 -2.56 3.43 -1.86
C ASN B 233 -1.65 4.38 -1.05
N PHE B 234 -1.98 5.66 -1.06
CA PHE B 234 -1.30 6.63 -0.20
C PHE B 234 -1.40 6.22 1.30
N LEU B 235 -2.59 5.83 1.73
CA LEU B 235 -2.82 5.43 3.12
C LEU B 235 -1.94 4.23 3.50
N THR B 236 -1.92 3.23 2.64
CA THR B 236 -1.08 2.04 2.86
C THR B 236 0.40 2.43 3.00
N LEU B 237 0.90 3.21 2.08
CA LEU B 237 2.28 3.62 2.11
C LEU B 237 2.60 4.51 3.32
N ALA B 238 1.69 5.43 3.63
CA ALA B 238 1.87 6.38 4.72
C ALA B 238 1.92 5.63 6.04
N MET B 239 1.08 4.62 6.21
CA MET B 239 1.09 3.78 7.41
C MET B 239 2.46 3.12 7.52
N PHE B 240 2.97 2.55 6.42
CA PHE B 240 4.29 1.88 6.44
C PHE B 240 5.37 2.88 6.80
N ALA B 241 5.24 4.11 6.34
CA ALA B 241 6.23 5.17 6.69
C ALA B 241 6.18 5.66 8.14
N GLY B 242 5.13 5.31 8.86
CA GLY B 242 5.04 5.66 10.28
C GLY B 242 3.85 6.56 10.67
N MET B 243 2.97 6.91 9.73
CA MET B 243 1.75 7.66 10.11
C MET B 243 0.94 6.95 11.22
N ASP B 244 0.58 7.75 12.21
CA ASP B 244 -0.04 7.31 13.45
C ASP B 244 -1.54 7.62 13.47
N SER B 245 -1.96 8.68 12.74
CA SER B 245 -3.41 8.97 12.70
C SER B 245 -3.77 9.59 11.36
N ALA B 246 -5.04 9.54 11.03
CA ALA B 246 -5.53 10.10 9.76
C ALA B 246 -6.95 10.51 9.83
N ILE B 247 -7.28 11.53 9.06
N ILE B 247 -7.26 11.53 9.04
CA ILE B 247 -8.65 11.99 8.97
CA ILE B 247 -8.63 12.05 8.90
C ILE B 247 -9.15 11.42 7.66
C ILE B 247 -9.14 11.38 7.65
N LEU B 248 -10.22 10.64 7.78
CA LEU B 248 -10.73 9.91 6.65
C LEU B 248 -12.20 9.54 6.80
N ASP B 249 -12.72 8.89 5.76
CA ASP B 249 -14.10 8.39 5.79
C ASP B 249 -14.13 6.89 6.06
N PRO B 250 -14.48 6.49 7.30
CA PRO B 250 -14.38 5.07 7.60
C PRO B 250 -15.63 4.28 7.12
N LEU B 251 -16.60 5.01 6.55
CA LEU B 251 -17.76 4.43 5.87
C LEU B 251 -17.48 4.03 4.44
N ASN B 252 -16.31 4.40 3.93
CA ASN B 252 -15.84 3.90 2.64
C ASN B 252 -15.32 2.48 2.87
N ARG B 253 -16.10 1.47 2.45
CA ARG B 253 -15.75 0.07 2.71
C ARG B 253 -14.45 -0.40 2.03
N ASP B 254 -14.14 0.11 0.85
CA ASP B 254 -12.86 -0.25 0.17
C ASP B 254 -11.67 0.32 0.98
N LEU B 255 -11.79 1.59 1.39
CA LEU B 255 -10.73 2.22 2.16
C LEU B 255 -10.57 1.54 3.57
N LEU B 256 -11.67 1.16 4.21
CA LEU B 256 -11.59 0.52 5.52
C LEU B 256 -10.98 -0.88 5.37
N ALA B 257 -11.32 -1.59 4.31
CA ALA B 257 -10.66 -2.88 4.05
C ALA B 257 -9.16 -2.73 3.81
N ALA B 258 -8.78 -1.80 2.98
CA ALA B 258 -7.33 -1.42 2.84
C ALA B 258 -6.60 -1.10 4.17
N LEU B 259 -7.21 -0.18 4.96
CA LEU B 259 -6.75 0.20 6.28
C LEU B 259 -6.53 -1.05 7.18
N LEU B 260 -7.53 -1.94 7.28
CA LEU B 260 -7.48 -3.07 8.17
C LEU B 260 -6.51 -4.18 7.61
N ALA B 261 -6.44 -4.30 6.29
CA ALA B 261 -5.45 -5.23 5.68
C ALA B 261 -4.02 -4.77 5.96
N THR B 262 -3.76 -3.46 5.86
CA THR B 262 -2.47 -2.88 6.14
C THR B 262 -2.12 -3.01 7.60
N GLU B 263 -3.06 -2.81 8.52
CA GLU B 263 -2.75 -3.05 9.94
C GLU B 263 -2.27 -4.48 10.20
N ALA B 264 -2.95 -5.44 9.61
CA ALA B 264 -2.52 -6.85 9.71
C ALA B 264 -1.11 -7.09 9.13
N LEU B 265 -0.90 -6.53 7.94
CA LEU B 265 0.39 -6.58 7.19
C LEU B 265 1.53 -5.96 7.93
N LEU B 266 1.22 -4.96 8.78
CA LEU B 266 2.28 -4.31 9.51
C LEU B 266 2.46 -4.95 10.90
N GLY B 267 1.81 -6.09 11.12
CA GLY B 267 2.10 -6.90 12.29
C GLY B 267 1.31 -6.42 13.50
N ARG B 268 0.31 -5.58 13.28
CA ARG B 268 -0.45 -4.97 14.40
C ARG B 268 -1.76 -5.61 14.78
N ASP B 269 -2.18 -6.62 14.05
CA ASP B 269 -3.44 -7.21 14.22
C ASP B 269 -3.20 -8.68 14.61
N LYS B 270 -3.12 -8.93 15.92
CA LYS B 270 -2.78 -10.28 16.44
C LYS B 270 -3.69 -11.30 15.78
N HIS B 271 -3.09 -12.31 15.15
CA HIS B 271 -3.80 -13.39 14.46
C HIS B 271 -4.80 -12.90 13.42
N CYS B 272 -4.62 -11.71 12.88
CA CYS B 272 -5.53 -11.17 11.87
C CYS B 272 -7.00 -11.14 12.31
N ARG B 273 -7.21 -10.95 13.61
CA ARG B 273 -8.56 -11.08 14.24
C ARG B 273 -9.53 -9.97 13.85
N ASN B 274 -9.05 -8.75 13.95
CA ASN B 274 -9.88 -7.61 13.65
C ASN B 274 -10.31 -7.64 12.21
N PHE B 275 -9.43 -8.13 11.35
CA PHE B 275 -9.72 -8.19 9.94
C PHE B 275 -10.81 -9.24 9.69
N ALA B 276 -10.61 -10.45 10.23
CA ALA B 276 -11.59 -11.56 10.14
C ALA B 276 -12.98 -11.21 10.74
N ASN B 277 -12.94 -10.47 11.84
CA ASN B 277 -14.17 -9.99 12.48
C ASN B 277 -14.92 -9.03 11.56
N ALA B 278 -14.25 -7.93 11.19
CA ALA B 278 -14.83 -6.92 10.30
C ALA B 278 -15.42 -7.53 9.06
N TYR B 279 -14.82 -8.60 8.52
CA TYR B 279 -15.44 -9.34 7.41
C TYR B 279 -16.67 -10.20 7.83
N ARG B 280 -16.68 -10.70 9.05
CA ARG B 280 -17.85 -11.44 9.55
C ARG B 280 -18.94 -10.44 9.87
N LYS B 281 -18.63 -9.39 10.63
CA LYS B 281 -19.62 -8.36 10.99
C LYS B 281 -20.02 -7.50 9.78
N ASN B 282 -19.68 -7.99 8.59
CA ASN B 282 -19.89 -7.32 7.32
C ASN B 282 -19.50 -5.83 7.24
N LYS B 283 -18.55 -5.35 8.04
CA LYS B 283 -18.06 -3.97 7.89
C LYS B 283 -17.17 -3.83 6.61
N ILE B 284 -16.71 -4.94 6.07
CA ILE B 284 -15.92 -4.91 4.85
C ILE B 284 -16.30 -6.04 3.95
N GLY B 285 -15.92 -5.95 2.71
CA GLY B 285 -16.30 -6.92 1.72
C GLY B 285 -17.64 -6.58 1.10
N PRO B 286 -17.97 -7.27 0.02
CA PRO B 286 -19.31 -7.25 -0.59
C PRO B 286 -20.43 -7.09 0.44
N LEU B 287 -21.25 -6.07 0.28
CA LEU B 287 -22.50 -5.89 1.06
C LEU B 287 -23.33 -7.15 1.13
#